data_7KOU
#
_entry.id   7KOU
#
_cell.length_a   120.928
_cell.length_b   62.022
_cell.length_c   101.916
_cell.angle_alpha   90.000
_cell.angle_beta   90.000
_cell.angle_gamma   90.000
#
_symmetry.space_group_name_H-M   'P 21 21 2'
#
loop_
_entity.id
_entity.type
_entity.pdbx_description
1 polymer 'Pterin Binding Protein'
2 non-polymer 'CHLORIDE ION'
3 non-polymer 'SODIUM ION'
4 non-polymer 'TETRAETHYLENE GLYCOL'
5 non-polymer DI(HYDROXYETHYL)ETHER
6 water water
#
_entity_poly.entity_id   1
_entity_poly.type   'polypeptide(L)'
_entity_poly.pdbx_seq_one_letter_code
;SNAGTIAKPQGKPILTISGNITNTNAEGAAQFDRDMLEALGMETVETTTPWHDGRVRFDGVSLAKLMDIVGAKGTSVTAV
ALNDYVSTIPIEDFKKFNVILAIKLDGNYMTVREKGPLFVIYPYDSDPELQKQTYYSRSAWQVAKLIVE
;
_entity_poly.pdbx_strand_id   A,B,C,D
#
# COMPACT_ATOMS: atom_id res chain seq x y z
N ALA A 3 15.74 36.86 7.51
CA ALA A 3 17.09 36.56 6.94
C ALA A 3 17.20 35.07 6.60
N GLY A 4 18.08 34.73 5.67
CA GLY A 4 18.31 33.30 5.33
C GLY A 4 19.28 32.66 6.30
N THR A 5 19.14 31.36 6.54
CA THR A 5 20.07 30.62 7.42
C THR A 5 20.78 29.53 6.60
N ILE A 6 20.24 29.20 5.41
CA ILE A 6 20.89 28.24 4.48
C ILE A 6 21.53 29.07 3.37
N ALA A 7 22.75 28.70 2.97
CA ALA A 7 23.43 29.48 1.92
C ALA A 7 22.65 29.39 0.62
N LYS A 8 22.71 30.46 -0.18
CA LYS A 8 22.03 30.45 -1.51
C LYS A 8 22.83 29.55 -2.45
N PRO A 9 22.16 28.79 -3.35
CA PRO A 9 22.87 27.96 -4.31
C PRO A 9 23.57 28.85 -5.36
N GLN A 10 24.76 28.43 -5.78
N GLN A 10 24.76 28.43 -5.79
CA GLN A 10 25.51 29.17 -6.81
CA GLN A 10 25.51 29.20 -6.81
C GLN A 10 25.07 28.68 -8.19
C GLN A 10 25.13 28.66 -8.19
N GLY A 11 24.70 27.40 -8.27
CA GLY A 11 24.27 26.79 -9.52
C GLY A 11 22.76 26.58 -9.56
N LYS A 12 22.32 25.77 -10.53
CA LYS A 12 20.91 25.41 -10.74
C LYS A 12 20.41 24.58 -9.56
N PRO A 13 19.36 25.01 -8.82
CA PRO A 13 18.82 24.17 -7.75
C PRO A 13 18.25 22.87 -8.34
N ILE A 14 18.54 21.74 -7.72
CA ILE A 14 18.02 20.43 -8.20
C ILE A 14 17.15 19.82 -7.10
N LEU A 15 17.13 20.43 -5.91
CA LEU A 15 16.25 19.96 -4.82
C LEU A 15 15.68 21.15 -4.06
N THR A 16 14.36 21.14 -3.87
CA THR A 16 13.69 22.12 -3.00
C THR A 16 13.09 21.36 -1.80
N ILE A 17 13.37 21.83 -0.59
CA ILE A 17 12.71 21.25 0.61
C ILE A 17 11.80 22.37 1.14
N SER A 18 10.54 22.02 1.36
CA SER A 18 9.52 23.00 1.80
C SER A 18 8.62 22.34 2.85
N GLY A 19 7.52 23.02 3.19
CA GLY A 19 6.59 22.47 4.19
C GLY A 19 6.94 22.99 5.56
N ASN A 20 6.79 22.14 6.57
CA ASN A 20 6.99 22.57 7.97
C ASN A 20 8.49 22.50 8.31
N ILE A 21 9.26 23.47 7.80
CA ILE A 21 10.72 23.57 8.06
C ILE A 21 10.97 24.98 8.61
N THR A 22 12.13 25.22 9.20
CA THR A 22 12.36 26.55 9.81
C THR A 22 13.59 27.24 9.20
N ASN A 23 14.48 26.49 8.55
CA ASN A 23 15.76 27.04 8.01
C ASN A 23 15.65 27.11 6.49
N THR A 24 15.72 28.33 5.93
CA THR A 24 15.42 28.52 4.49
C THR A 24 16.42 29.46 3.80
N ASN A 25 16.39 29.48 2.47
CA ASN A 25 17.20 30.40 1.62
C ASN A 25 16.29 30.94 0.51
N ALA A 26 14.98 30.69 0.61
CA ALA A 26 13.92 31.17 -0.32
C ALA A 26 12.59 31.21 0.46
N GLU A 27 11.54 31.77 -0.15
CA GLU A 27 10.24 31.93 0.55
C GLU A 27 9.73 30.57 1.03
N GLY A 28 9.88 30.28 2.32
CA GLY A 28 9.39 29.05 2.95
C GLY A 28 10.09 27.80 2.44
N ALA A 29 11.21 27.95 1.74
CA ALA A 29 11.88 26.75 1.17
C ALA A 29 13.41 26.82 1.27
N ALA A 30 14.01 25.65 1.27
CA ALA A 30 15.48 25.49 1.24
C ALA A 30 15.84 24.88 -0.12
N GLN A 31 16.54 25.64 -0.96
CA GLN A 31 16.92 25.18 -2.32
C GLN A 31 18.38 24.74 -2.31
N PHE A 32 18.66 23.59 -2.91
CA PHE A 32 20.04 23.06 -2.96
C PHE A 32 20.48 22.79 -4.40
N ASP A 33 21.69 23.23 -4.76
CA ASP A 33 22.28 22.77 -6.04
C ASP A 33 23.06 21.49 -5.72
N ARG A 34 23.62 20.82 -6.73
CA ARG A 34 24.33 19.54 -6.50
C ARG A 34 25.56 19.76 -5.61
N ASP A 35 26.30 20.85 -5.79
CA ASP A 35 27.51 21.14 -4.96
C ASP A 35 27.13 21.24 -3.48
N MET A 36 26.03 21.93 -3.15
CA MET A 36 25.58 22.04 -1.73
C MET A 36 25.25 20.65 -1.18
N LEU A 37 24.60 19.79 -1.97
CA LEU A 37 24.27 18.44 -1.45
C LEU A 37 25.55 17.65 -1.19
N GLU A 38 26.48 17.70 -2.14
CA GLU A 38 27.75 16.95 -1.96
C GLU A 38 28.50 17.48 -0.73
N ALA A 39 28.42 18.79 -0.48
CA ALA A 39 29.11 19.43 0.68
C ALA A 39 28.52 18.97 2.02
N LEU A 40 27.33 18.36 2.04
CA LEU A 40 26.73 17.90 3.32
C LEU A 40 27.40 16.61 3.79
N GLY A 41 28.22 16.01 2.94
CA GLY A 41 28.88 14.73 3.26
C GLY A 41 28.19 13.62 2.51
N MET A 42 28.95 12.81 1.78
CA MET A 42 28.42 11.71 0.94
C MET A 42 28.61 10.35 1.62
N GLU A 43 27.52 9.61 1.80
CA GLU A 43 27.54 8.23 2.36
C GLU A 43 27.45 7.27 1.18
N THR A 44 27.85 6.01 1.40
N THR A 44 27.87 6.00 1.39
CA THR A 44 27.80 4.96 0.36
CA THR A 44 27.81 4.98 0.30
C THR A 44 26.84 3.86 0.78
C THR A 44 26.90 3.84 0.74
N VAL A 45 26.00 3.40 -0.15
CA VAL A 45 25.04 2.29 0.13
C VAL A 45 25.15 1.31 -1.03
N GLU A 46 25.46 0.05 -0.72
CA GLU A 46 25.58 -0.97 -1.79
C GLU A 46 24.47 -2.02 -1.57
N THR A 47 23.65 -2.26 -2.58
CA THR A 47 22.52 -3.20 -2.39
C THR A 47 21.98 -3.67 -3.73
N THR A 48 21.31 -4.83 -3.74
CA THR A 48 20.51 -5.19 -4.94
C THR A 48 19.20 -4.44 -4.79
N THR A 49 18.47 -4.23 -5.88
CA THR A 49 17.18 -3.48 -5.83
C THR A 49 16.22 -4.12 -6.82
N PRO A 50 14.92 -3.77 -6.80
CA PRO A 50 13.99 -4.28 -7.80
C PRO A 50 14.18 -3.67 -9.20
N TRP A 51 14.97 -2.61 -9.33
CA TRP A 51 15.04 -1.82 -10.59
C TRP A 51 16.41 -1.91 -11.26
N HIS A 52 17.42 -2.43 -10.57
CA HIS A 52 18.79 -2.38 -11.15
C HIS A 52 19.30 -3.79 -11.46
N ASP A 53 20.29 -3.86 -12.36
CA ASP A 53 20.93 -5.16 -12.69
C ASP A 53 22.07 -5.39 -11.70
N GLY A 54 21.95 -6.44 -10.89
CA GLY A 54 22.99 -6.82 -9.92
C GLY A 54 23.11 -5.85 -8.76
N ARG A 55 24.16 -6.04 -7.96
CA ARG A 55 24.43 -5.18 -6.79
C ARG A 55 24.94 -3.82 -7.30
N VAL A 56 24.32 -2.73 -6.88
CA VAL A 56 24.78 -1.38 -7.33
C VAL A 56 25.20 -0.57 -6.10
N ARG A 57 26.02 0.46 -6.35
CA ARG A 57 26.57 1.29 -5.25
C ARG A 57 26.08 2.72 -5.42
N PHE A 58 25.34 3.21 -4.43
CA PHE A 58 24.83 4.61 -4.45
C PHE A 58 25.68 5.46 -3.50
N ASP A 59 26.03 6.66 -3.96
CA ASP A 59 26.66 7.69 -3.09
C ASP A 59 25.62 8.78 -2.93
N GLY A 60 25.38 9.21 -1.70
CA GLY A 60 24.37 10.24 -1.53
C GLY A 60 24.40 10.86 -0.16
N VAL A 61 23.47 11.77 0.09
N VAL A 61 23.45 11.76 0.08
CA VAL A 61 23.44 12.52 1.38
CA VAL A 61 23.35 12.51 1.36
C VAL A 61 22.36 11.90 2.28
C VAL A 61 22.36 11.80 2.27
N SER A 62 22.71 11.69 3.55
CA SER A 62 21.78 11.17 4.59
C SER A 62 20.53 12.06 4.61
N LEU A 63 19.34 11.46 4.44
CA LEU A 63 18.12 12.29 4.54
C LEU A 63 17.96 12.83 5.98
N ALA A 64 18.42 12.09 6.98
CA ALA A 64 18.40 12.59 8.38
C ALA A 64 19.18 13.91 8.45
N LYS A 65 20.33 13.99 7.77
CA LYS A 65 21.15 15.23 7.77
C LYS A 65 20.40 16.37 7.09
N LEU A 66 19.70 16.07 6.00
CA LEU A 66 18.91 17.11 5.29
C LEU A 66 17.78 17.59 6.21
N MET A 67 17.13 16.68 6.92
CA MET A 67 16.03 17.13 7.82
C MET A 67 16.62 18.01 8.93
N ASP A 68 17.80 17.66 9.44
CA ASP A 68 18.45 18.46 10.51
C ASP A 68 18.82 19.86 10.02
N ILE A 69 19.40 19.97 8.82
N ILE A 69 19.38 19.95 8.82
CA ILE A 69 19.83 21.34 8.40
CA ILE A 69 19.82 21.28 8.28
C ILE A 69 18.61 22.22 8.06
C ILE A 69 18.62 22.20 8.04
N VAL A 70 17.50 21.66 7.57
CA VAL A 70 16.31 22.53 7.28
C VAL A 70 15.46 22.74 8.54
N GLY A 71 15.72 22.00 9.63
CA GLY A 71 14.90 22.16 10.84
C GLY A 71 13.49 21.65 10.61
N ALA A 72 13.38 20.45 10.02
CA ALA A 72 12.08 19.80 9.79
C ALA A 72 11.35 19.65 11.12
N LYS A 73 10.06 20.00 11.15
CA LYS A 73 9.26 19.90 12.39
C LYS A 73 8.21 18.81 12.27
N GLY A 74 8.11 18.12 11.14
CA GLY A 74 7.06 17.11 10.93
C GLY A 74 7.50 15.68 11.21
N THR A 75 6.61 14.72 10.96
CA THR A 75 6.91 13.28 11.14
C THR A 75 6.73 12.55 9.81
N SER A 76 6.41 13.28 8.74
CA SER A 76 6.20 12.66 7.41
C SER A 76 6.76 13.57 6.32
N VAL A 77 7.33 12.96 5.28
N VAL A 77 7.38 12.98 5.30
CA VAL A 77 7.87 13.74 4.12
CA VAL A 77 7.82 13.81 4.13
C VAL A 77 7.21 13.23 2.83
C VAL A 77 7.14 13.25 2.87
N THR A 78 6.72 14.16 2.00
CA THR A 78 6.17 13.80 0.68
C THR A 78 7.26 14.09 -0.35
N ALA A 79 7.75 13.06 -1.02
CA ALA A 79 8.77 13.24 -2.08
C ALA A 79 8.04 13.43 -3.41
N VAL A 80 8.28 14.56 -4.08
CA VAL A 80 7.64 14.87 -5.38
C VAL A 80 8.65 14.62 -6.51
N ALA A 81 8.28 13.73 -7.43
CA ALA A 81 9.14 13.35 -8.56
C ALA A 81 8.90 14.28 -9.74
N LEU A 82 9.76 14.18 -10.75
CA LEU A 82 9.63 14.95 -12.00
C LEU A 82 8.28 14.62 -12.68
N ASN A 83 7.78 13.38 -12.51
CA ASN A 83 6.53 12.96 -13.21
C ASN A 83 5.29 13.33 -12.38
N ASP A 84 5.46 14.13 -11.32
CA ASP A 84 4.33 14.63 -10.50
C ASP A 84 3.63 13.51 -9.72
N TYR A 85 4.31 12.38 -9.47
CA TYR A 85 3.75 11.38 -8.54
C TYR A 85 4.58 11.49 -7.25
N VAL A 86 3.94 11.21 -6.12
CA VAL A 86 4.63 11.39 -4.82
C VAL A 86 4.86 10.04 -4.17
N SER A 87 5.83 10.02 -3.26
CA SER A 87 6.05 8.89 -2.32
C SER A 87 5.95 9.52 -0.93
N THR A 88 5.27 8.85 -0.01
CA THR A 88 5.11 9.39 1.37
C THR A 88 6.07 8.60 2.27
N ILE A 89 6.89 9.29 3.06
CA ILE A 89 7.93 8.59 3.88
C ILE A 89 7.86 9.05 5.33
N PRO A 90 7.73 8.13 6.31
CA PRO A 90 7.81 8.51 7.72
C PRO A 90 9.23 9.02 8.01
N ILE A 91 9.36 10.17 8.68
CA ILE A 91 10.71 10.74 8.92
C ILE A 91 11.51 9.79 9.80
N GLU A 92 10.83 8.98 10.60
CA GLU A 92 11.50 8.04 11.52
C GLU A 92 12.38 7.06 10.72
N ASP A 93 12.00 6.76 9.47
CA ASP A 93 12.79 5.82 8.64
C ASP A 93 14.22 6.33 8.41
N PHE A 94 14.41 7.65 8.39
CA PHE A 94 15.73 8.23 8.01
C PHE A 94 16.82 7.82 9.00
N LYS A 95 16.57 7.94 10.30
CA LYS A 95 17.61 7.56 11.30
C LYS A 95 17.60 6.04 11.50
N LYS A 96 16.43 5.42 11.40
CA LYS A 96 16.33 3.96 11.66
C LYS A 96 17.09 3.15 10.60
N PHE A 97 17.02 3.55 9.32
CA PHE A 97 17.62 2.74 8.23
C PHE A 97 18.70 3.45 7.39
N ASN A 98 19.11 4.65 7.78
N ASN A 98 19.18 4.63 7.79
CA ASN A 98 20.20 5.35 7.05
CA ASN A 98 20.24 5.32 6.99
C ASN A 98 19.79 5.49 5.57
C ASN A 98 19.80 5.49 5.54
N VAL A 99 18.61 6.05 5.35
CA VAL A 99 18.08 6.29 3.98
C VAL A 99 18.89 7.43 3.37
N ILE A 100 19.23 7.30 2.09
CA ILE A 100 20.02 8.38 1.45
C ILE A 100 19.27 8.96 0.25
N LEU A 101 19.58 10.21 -0.04
CA LEU A 101 19.17 10.84 -1.31
C LEU A 101 20.36 10.59 -2.23
N ALA A 102 20.27 9.56 -3.07
CA ALA A 102 21.40 9.15 -3.92
C ALA A 102 21.65 10.21 -5.02
N ILE A 103 22.93 10.50 -5.25
CA ILE A 103 23.42 11.48 -6.26
C ILE A 103 24.26 10.74 -7.31
N LYS A 104 24.88 9.64 -6.92
CA LYS A 104 25.71 8.86 -7.87
C LYS A 104 25.30 7.39 -7.81
N LEU A 105 25.39 6.73 -8.95
CA LEU A 105 25.14 5.29 -9.11
C LEU A 105 26.39 4.71 -9.76
N ASP A 106 27.07 3.78 -9.08
CA ASP A 106 28.32 3.14 -9.57
C ASP A 106 29.34 4.22 -10.01
N GLY A 107 29.49 5.28 -9.22
CA GLY A 107 30.52 6.32 -9.45
C GLY A 107 30.15 7.35 -10.51
N ASN A 108 28.95 7.28 -11.08
CA ASN A 108 28.55 8.29 -12.09
C ASN A 108 27.28 9.04 -11.64
N TYR A 109 27.17 10.29 -12.06
CA TYR A 109 25.92 11.03 -11.80
C TYR A 109 24.79 10.33 -12.55
N MET A 110 23.56 10.58 -12.15
CA MET A 110 22.38 9.96 -12.78
C MET A 110 21.69 10.99 -13.65
N THR A 111 21.52 10.65 -14.93
CA THR A 111 20.82 11.55 -15.88
C THR A 111 19.32 11.29 -15.76
N VAL A 112 18.52 12.10 -16.43
CA VAL A 112 17.03 11.96 -16.32
C VAL A 112 16.59 10.55 -16.73
N ARG A 113 17.16 10.01 -17.81
CA ARG A 113 16.72 8.67 -18.33
C ARG A 113 17.21 7.54 -17.40
N GLU A 114 18.09 7.84 -16.44
CA GLU A 114 18.50 6.84 -15.41
C GLU A 114 17.64 7.05 -14.15
N LYS A 115 16.61 7.88 -14.25
CA LYS A 115 15.67 8.20 -13.14
C LYS A 115 16.37 9.09 -12.11
N GLY A 116 17.32 9.89 -12.58
CA GLY A 116 18.02 10.87 -11.72
C GLY A 116 17.42 12.25 -11.95
N PRO A 117 18.07 13.34 -11.51
CA PRO A 117 19.38 13.26 -10.86
C PRO A 117 19.41 12.76 -9.42
N LEU A 118 18.24 12.66 -8.76
CA LEU A 118 18.21 12.26 -7.32
C LEU A 118 17.25 11.09 -7.13
N PHE A 119 17.59 10.20 -6.21
CA PHE A 119 16.82 8.95 -6.00
C PHE A 119 16.87 8.61 -4.51
N VAL A 120 15.71 8.54 -3.84
CA VAL A 120 15.67 8.12 -2.41
C VAL A 120 15.90 6.61 -2.37
N ILE A 121 16.95 6.16 -1.66
CA ILE A 121 17.37 4.74 -1.63
C ILE A 121 17.49 4.24 -0.18
N TYR A 122 16.91 3.08 0.09
CA TYR A 122 17.11 2.35 1.38
C TYR A 122 18.13 1.25 1.15
N PRO A 123 18.89 0.82 2.18
CA PRO A 123 19.83 -0.29 2.06
C PRO A 123 19.08 -1.62 2.16
N TYR A 124 18.32 -1.96 1.12
CA TYR A 124 17.39 -3.13 1.11
C TYR A 124 18.06 -4.40 1.64
N ASP A 125 19.25 -4.76 1.12
CA ASP A 125 19.92 -6.04 1.50
C ASP A 125 20.49 -6.03 2.92
N SER A 126 20.48 -4.89 3.62
CA SER A 126 21.07 -4.83 4.98
C SER A 126 20.08 -5.35 6.04
N ASP A 127 18.80 -5.45 5.70
CA ASP A 127 17.77 -5.83 6.70
C ASP A 127 16.59 -6.47 5.97
N PRO A 128 16.15 -7.69 6.36
CA PRO A 128 15.03 -8.35 5.68
C PRO A 128 13.74 -7.51 5.71
N GLU A 129 13.58 -6.70 6.76
N GLU A 129 13.59 -6.68 6.75
CA GLU A 129 12.41 -5.80 6.91
CA GLU A 129 12.41 -5.80 6.92
C GLU A 129 12.30 -4.86 5.69
C GLU A 129 12.30 -4.83 5.72
N LEU A 130 13.44 -4.47 5.12
CA LEU A 130 13.46 -3.49 4.00
C LEU A 130 13.21 -4.13 2.63
N GLN A 131 13.22 -5.47 2.57
CA GLN A 131 13.06 -6.19 1.29
C GLN A 131 11.57 -6.40 1.01
N LYS A 132 10.79 -5.31 0.94
CA LYS A 132 9.35 -5.46 0.66
C LYS A 132 8.76 -4.17 0.09
N GLN A 133 7.58 -4.28 -0.52
CA GLN A 133 6.93 -3.16 -1.23
C GLN A 133 6.79 -1.92 -0.34
N THR A 134 6.58 -2.09 0.97
CA THR A 134 6.47 -0.90 1.85
C THR A 134 7.66 0.04 1.59
N TYR A 135 8.87 -0.50 1.57
CA TYR A 135 10.09 0.32 1.39
C TYR A 135 10.36 0.60 -0.09
N TYR A 136 9.96 -0.31 -0.99
CA TYR A 136 10.17 -0.01 -2.43
C TYR A 136 9.29 1.19 -2.82
N SER A 137 8.08 1.29 -2.24
N SER A 137 8.08 1.28 -2.25
CA SER A 137 7.16 2.41 -2.59
CA SER A 137 7.14 2.40 -2.55
C SER A 137 7.65 3.73 -1.95
C SER A 137 7.69 3.72 -1.97
N ARG A 138 8.45 3.65 -0.88
CA ARG A 138 8.98 4.88 -0.21
C ARG A 138 10.25 5.36 -0.92
N SER A 139 10.83 4.46 -1.70
N SER A 139 10.77 4.58 -1.88
CA SER A 139 11.96 4.86 -2.57
CA SER A 139 12.06 4.87 -2.57
C SER A 139 11.32 5.81 -3.59
C SER A 139 11.85 5.66 -3.88
N ALA A 140 12.02 6.87 -3.97
N ALA A 140 11.60 6.96 -3.78
CA ALA A 140 11.42 7.83 -4.92
CA ALA A 140 11.25 7.78 -4.98
C ALA A 140 12.49 8.24 -5.93
C ALA A 140 12.47 8.00 -5.90
N TRP A 141 12.24 8.00 -7.21
CA TRP A 141 13.26 8.37 -8.23
C TRP A 141 12.87 9.73 -8.84
N GLN A 142 13.82 10.36 -9.54
CA GLN A 142 13.62 11.68 -10.21
C GLN A 142 13.09 12.67 -9.18
N VAL A 143 13.65 12.65 -7.97
CA VAL A 143 13.15 13.54 -6.88
C VAL A 143 13.48 14.99 -7.21
N ALA A 144 12.48 15.86 -7.11
CA ALA A 144 12.67 17.31 -7.33
C ALA A 144 12.39 18.07 -6.02
N LYS A 145 11.51 17.53 -5.18
N LYS A 145 11.50 17.54 -5.17
CA LYS A 145 11.10 18.23 -3.95
CA LYS A 145 11.12 18.29 -3.95
C LYS A 145 10.89 17.26 -2.78
C LYS A 145 10.78 17.34 -2.79
N LEU A 146 11.13 17.76 -1.57
CA LEU A 146 10.77 17.02 -0.33
C LEU A 146 9.89 17.99 0.45
N ILE A 147 8.64 17.61 0.71
CA ILE A 147 7.75 18.51 1.48
C ILE A 147 7.54 17.90 2.86
N VAL A 148 7.99 18.62 3.89
CA VAL A 148 7.81 18.17 5.30
C VAL A 148 6.37 18.50 5.69
N GLU A 149 5.59 17.49 6.07
CA GLU A 149 4.17 17.73 6.43
C GLU A 149 4.04 18.21 7.87
N GLY B 4 -20.98 -32.72 9.80
CA GLY B 4 -21.06 -31.65 8.75
C GLY B 4 -22.39 -30.92 8.80
N THR B 5 -22.36 -29.61 9.06
CA THR B 5 -23.60 -28.81 9.16
C THR B 5 -23.89 -28.09 7.82
N ILE B 6 -22.88 -27.91 6.96
CA ILE B 6 -23.16 -27.31 5.61
C ILE B 6 -23.43 -28.47 4.65
N ALA B 7 -24.49 -28.39 3.86
CA ALA B 7 -24.81 -29.50 2.94
C ALA B 7 -23.71 -29.62 1.89
N LYS B 8 -23.54 -30.83 1.34
CA LYS B 8 -22.55 -31.08 0.26
C LYS B 8 -23.02 -30.36 -0.99
N PRO B 9 -22.11 -29.79 -1.81
CA PRO B 9 -22.53 -29.15 -3.06
C PRO B 9 -23.07 -30.21 -4.02
N GLN B 10 -24.14 -29.87 -4.74
CA GLN B 10 -24.72 -30.77 -5.76
C GLN B 10 -23.97 -30.55 -7.07
N GLY B 11 -23.56 -29.30 -7.33
CA GLY B 11 -22.85 -28.94 -8.56
C GLY B 11 -21.36 -28.78 -8.34
N LYS B 12 -20.70 -28.15 -9.31
CA LYS B 12 -19.24 -27.87 -9.28
C LYS B 12 -18.97 -26.85 -8.17
N PRO B 13 -18.07 -27.10 -7.21
CA PRO B 13 -17.77 -26.11 -6.19
C PRO B 13 -17.09 -24.92 -6.87
N ILE B 14 -17.54 -23.70 -6.61
CA ILE B 14 -16.86 -22.52 -7.20
C ILE B 14 -16.25 -21.69 -6.07
N LEU B 15 -16.54 -22.05 -4.83
CA LEU B 15 -15.91 -21.32 -3.70
C LEU B 15 -15.54 -22.30 -2.59
N THR B 16 -14.31 -22.20 -2.12
CA THR B 16 -13.86 -22.96 -0.95
C THR B 16 -13.54 -21.94 0.14
N ILE B 17 -14.02 -22.18 1.36
CA ILE B 17 -13.65 -21.35 2.53
C ILE B 17 -12.90 -22.29 3.48
N SER B 18 -11.66 -21.93 3.83
CA SER B 18 -10.81 -22.80 4.68
C SER B 18 -10.13 -21.98 5.77
N GLY B 19 -9.17 -22.60 6.47
CA GLY B 19 -8.50 -21.89 7.56
C GLY B 19 -9.21 -22.09 8.89
N ASN B 20 -9.17 -21.06 9.73
CA ASN B 20 -9.72 -21.19 11.10
C ASN B 20 -11.24 -20.98 11.08
N ILE B 21 -11.97 -22.04 10.71
CA ILE B 21 -13.46 -21.98 10.65
C ILE B 21 -14.05 -23.10 11.52
N THR B 22 -15.35 -23.03 11.77
CA THR B 22 -16.02 -23.98 12.70
C THR B 22 -16.82 -25.03 11.92
N ASN B 23 -17.44 -24.59 10.82
CA ASN B 23 -18.45 -25.39 10.11
C ASN B 23 -17.93 -25.79 8.72
N THR B 24 -17.88 -27.10 8.44
CA THR B 24 -17.25 -27.59 7.18
C THR B 24 -18.09 -28.69 6.53
N ASN B 25 -17.83 -28.97 5.24
CA ASN B 25 -18.52 -30.08 4.52
C ASN B 25 -17.47 -30.89 3.76
N ALA B 26 -16.20 -30.60 4.03
CA ALA B 26 -15.04 -31.30 3.45
C ALA B 26 -13.92 -31.23 4.50
N GLU B 27 -12.78 -31.89 4.27
CA GLU B 27 -11.70 -31.88 5.29
C GLU B 27 -11.24 -30.44 5.56
N GLY B 28 -11.67 -29.88 6.71
CA GLY B 28 -11.26 -28.55 7.14
C GLY B 28 -11.73 -27.42 6.24
N ALA B 29 -12.65 -27.69 5.29
CA ALA B 29 -13.12 -26.62 4.39
C ALA B 29 -14.64 -26.66 4.18
N ALA B 30 -15.19 -25.53 3.76
CA ALA B 30 -16.61 -25.38 3.41
C ALA B 30 -16.67 -25.11 1.91
N GLN B 31 -17.22 -26.05 1.15
CA GLN B 31 -17.31 -25.92 -0.33
C GLN B 31 -18.73 -25.50 -0.72
N PHE B 32 -18.83 -24.55 -1.65
CA PHE B 32 -20.15 -24.04 -2.09
C PHE B 32 -20.25 -24.09 -3.61
N ASP B 33 -21.36 -24.61 -4.13
CA ASP B 33 -21.63 -24.48 -5.58
C ASP B 33 -22.34 -23.15 -5.77
N ARG B 34 -22.60 -22.75 -7.01
CA ARG B 34 -23.23 -21.43 -7.25
C ARG B 34 -24.66 -21.42 -6.70
N ASP B 35 -25.39 -22.54 -6.80
CA ASP B 35 -26.79 -22.60 -6.28
C ASP B 35 -26.80 -22.32 -4.77
N MET B 36 -25.84 -22.87 -4.03
CA MET B 36 -25.77 -22.66 -2.57
C MET B 36 -25.54 -21.17 -2.27
N LEU B 37 -24.68 -20.51 -3.04
CA LEU B 37 -24.43 -19.06 -2.77
C LEU B 37 -25.70 -18.26 -3.09
N GLU B 38 -26.41 -18.60 -4.16
CA GLU B 38 -27.62 -17.80 -4.51
C GLU B 38 -28.73 -18.05 -3.48
N ALA B 39 -28.79 -19.26 -2.90
CA ALA B 39 -29.82 -19.63 -1.90
C ALA B 39 -29.64 -18.85 -0.60
N LEU B 40 -28.50 -18.20 -0.39
CA LEU B 40 -28.24 -17.42 0.85
C LEU B 40 -28.88 -16.03 0.75
N GLY B 41 -29.46 -15.68 -0.40
CA GLY B 41 -30.14 -14.38 -0.53
C GLY B 41 -29.36 -13.40 -1.38
N MET B 42 -30.06 -12.68 -2.25
CA MET B 42 -29.43 -11.71 -3.16
C MET B 42 -29.12 -10.39 -2.44
N GLU B 43 -27.86 -9.97 -2.50
CA GLU B 43 -27.45 -8.62 -2.02
C GLU B 43 -27.04 -7.90 -3.30
N THR B 44 -27.27 -6.59 -3.35
CA THR B 44 -26.99 -5.85 -4.61
C THR B 44 -26.17 -4.61 -4.29
N VAL B 45 -25.14 -4.37 -5.11
CA VAL B 45 -24.30 -3.16 -5.04
C VAL B 45 -24.36 -2.48 -6.41
N GLU B 46 -24.81 -1.23 -6.44
CA GLU B 46 -24.79 -0.45 -7.70
C GLU B 46 -23.77 0.66 -7.49
N THR B 47 -22.72 0.67 -8.30
CA THR B 47 -21.61 1.62 -8.09
C THR B 47 -20.77 1.76 -9.36
N THR B 48 -20.08 2.88 -9.49
CA THR B 48 -19.02 2.98 -10.52
C THR B 48 -17.78 2.34 -9.90
N THR B 49 -16.83 1.92 -10.71
CA THR B 49 -15.60 1.27 -10.19
C THR B 49 -14.43 1.79 -11.00
N PRO B 50 -13.17 1.52 -10.58
CA PRO B 50 -12.02 1.90 -11.39
C PRO B 50 -11.87 0.99 -12.62
N TRP B 51 -12.68 -0.07 -12.74
CA TRP B 51 -12.46 -1.10 -13.79
C TRP B 51 -13.60 -1.16 -14.82
N HIS B 52 -14.75 -0.56 -14.52
CA HIS B 52 -15.91 -0.76 -15.41
C HIS B 52 -16.35 0.55 -16.04
N ASP B 53 -17.15 0.43 -17.10
CA ASP B 53 -17.73 1.58 -17.82
C ASP B 53 -19.05 1.94 -17.12
N GLY B 54 -19.09 3.12 -16.51
CA GLY B 54 -20.32 3.61 -15.89
C GLY B 54 -20.78 2.84 -14.68
N ARG B 55 -21.99 3.15 -14.23
CA ARG B 55 -22.57 2.52 -13.03
C ARG B 55 -22.90 1.07 -13.38
N VAL B 56 -22.47 0.12 -12.56
N VAL B 56 -22.47 0.14 -12.52
CA VAL B 56 -22.77 -1.32 -12.85
CA VAL B 56 -22.64 -1.33 -12.72
C VAL B 56 -23.49 -1.93 -11.65
C VAL B 56 -23.56 -1.88 -11.62
N ARG B 57 -24.35 -2.90 -11.94
CA ARG B 57 -25.14 -3.60 -10.91
C ARG B 57 -24.47 -4.93 -10.59
N PHE B 58 -24.00 -5.08 -9.35
CA PHE B 58 -23.44 -6.38 -8.89
C PHE B 58 -24.45 -7.04 -7.96
N ASP B 59 -24.76 -8.31 -8.24
CA ASP B 59 -25.65 -9.15 -7.39
C ASP B 59 -24.82 -10.30 -6.84
N GLY B 60 -25.01 -10.62 -5.57
CA GLY B 60 -24.23 -11.73 -5.01
C GLY B 60 -24.59 -11.99 -3.57
N VAL B 61 -23.66 -12.59 -2.85
CA VAL B 61 -23.92 -13.05 -1.47
C VAL B 61 -23.16 -12.17 -0.48
N SER B 62 -23.79 -11.95 0.67
CA SER B 62 -23.15 -11.17 1.76
C SER B 62 -21.91 -11.92 2.27
N LEU B 63 -20.75 -11.27 2.25
CA LEU B 63 -19.56 -11.92 2.84
C LEU B 63 -19.72 -12.04 4.37
N ALA B 64 -20.41 -11.10 5.03
CA ALA B 64 -20.67 -11.25 6.49
C ALA B 64 -21.47 -12.54 6.71
N LYS B 65 -22.48 -12.79 5.88
CA LYS B 65 -23.30 -14.01 6.03
C LYS B 65 -22.45 -15.27 5.79
N LEU B 66 -21.53 -15.24 4.82
CA LEU B 66 -20.66 -16.44 4.61
C LEU B 66 -19.79 -16.69 5.84
N MET B 67 -19.23 -15.63 6.43
CA MET B 67 -18.37 -15.79 7.63
C MET B 67 -19.21 -16.36 8.77
N ASP B 68 -20.48 -15.95 8.87
CA ASP B 68 -21.36 -16.48 9.95
C ASP B 68 -21.65 -17.97 9.71
N ILE B 69 -21.97 -18.34 8.47
CA ILE B 69 -22.32 -19.75 8.13
C ILE B 69 -21.15 -20.69 8.42
N VAL B 70 -19.92 -20.27 8.11
CA VAL B 70 -18.74 -21.15 8.36
C VAL B 70 -18.23 -21.00 9.81
N GLY B 71 -18.78 -20.06 10.59
CA GLY B 71 -18.26 -19.87 11.97
C GLY B 71 -16.81 -19.42 11.97
N ALA B 72 -16.49 -18.41 11.15
CA ALA B 72 -15.11 -17.86 11.07
C ALA B 72 -14.62 -17.46 12.47
N LYS B 73 -13.42 -17.90 12.84
CA LYS B 73 -12.84 -17.60 14.17
C LYS B 73 -11.75 -16.52 14.08
N GLY B 74 -11.30 -16.16 12.87
CA GLY B 74 -10.23 -15.16 12.69
C GLY B 74 -10.75 -13.75 12.43
N THR B 75 -9.82 -12.81 12.24
CA THR B 75 -10.17 -11.39 12.00
C THR B 75 -9.64 -10.95 10.64
N SER B 76 -8.95 -11.86 9.94
CA SER B 76 -8.41 -11.54 8.61
C SER B 76 -8.74 -12.68 7.64
N VAL B 77 -9.01 -12.33 6.38
N VAL B 77 -9.03 -12.32 6.38
CA VAL B 77 -9.31 -13.38 5.36
CA VAL B 77 -9.32 -13.31 5.31
C VAL B 77 -8.42 -13.13 4.14
C VAL B 77 -8.32 -13.10 4.19
N THR B 78 -7.77 -14.19 3.65
CA THR B 78 -6.90 -14.12 2.46
C THR B 78 -7.73 -14.63 1.27
N ALA B 79 -8.02 -13.76 0.30
CA ALA B 79 -8.78 -14.18 -0.90
C ALA B 79 -7.76 -14.67 -1.92
N VAL B 80 -7.92 -15.93 -2.36
CA VAL B 80 -7.01 -16.54 -3.36
C VAL B 80 -7.73 -16.54 -4.71
N ALA B 81 -7.11 -15.88 -5.70
CA ALA B 81 -7.70 -15.76 -7.06
C ALA B 81 -7.22 -16.91 -7.94
N LEU B 82 -7.87 -17.08 -9.09
CA LEU B 82 -7.46 -18.12 -10.07
C LEU B 82 -6.03 -17.81 -10.56
N ASN B 83 -5.56 -16.57 -10.45
CA ASN B 83 -4.19 -16.24 -10.97
C ASN B 83 -3.13 -16.39 -9.87
N ASP B 84 -3.46 -16.98 -8.72
CA ASP B 84 -2.42 -17.24 -7.67
C ASP B 84 -1.90 -15.94 -7.03
N TYR B 85 -2.63 -14.83 -7.14
CA TYR B 85 -2.28 -13.64 -6.33
C TYR B 85 -3.38 -13.48 -5.28
N VAL B 86 -3.00 -13.08 -4.07
CA VAL B 86 -4.03 -12.97 -3.00
C VAL B 86 -4.32 -11.51 -2.68
N SER B 87 -5.47 -11.32 -2.03
CA SER B 87 -5.88 -10.02 -1.45
C SER B 87 -6.17 -10.30 0.02
N THR B 88 -5.68 -9.46 0.92
CA THR B 88 -5.93 -9.67 2.37
C THR B 88 -7.04 -8.69 2.79
N ILE B 89 -8.04 -9.19 3.50
CA ILE B 89 -9.20 -8.34 3.88
C ILE B 89 -9.50 -8.46 5.36
N PRO B 90 -9.61 -7.35 6.11
CA PRO B 90 -10.06 -7.41 7.50
C PRO B 90 -11.52 -7.90 7.52
N ILE B 91 -11.83 -8.93 8.31
CA ILE B 91 -13.24 -9.44 8.32
C ILE B 91 -14.20 -8.33 8.77
N GLU B 92 -13.73 -7.39 9.60
CA GLU B 92 -14.60 -6.29 10.09
C GLU B 92 -15.20 -5.51 8.90
N ASP B 93 -14.51 -5.46 7.75
CA ASP B 93 -15.04 -4.72 6.58
C ASP B 93 -16.39 -5.28 6.14
N PHE B 94 -16.60 -6.58 6.32
CA PHE B 94 -17.83 -7.22 5.77
C PHE B 94 -19.09 -6.63 6.41
N LYS B 95 -19.12 -6.49 7.73
CA LYS B 95 -20.32 -5.92 8.39
C LYS B 95 -20.29 -4.40 8.32
N LYS B 96 -19.11 -3.80 8.32
CA LYS B 96 -19.02 -2.32 8.30
C LYS B 96 -19.51 -1.75 6.96
N PHE B 97 -19.22 -2.43 5.84
CA PHE B 97 -19.57 -1.85 4.51
C PHE B 97 -20.52 -2.71 3.66
N ASN B 98 -20.97 -3.88 4.12
CA ASN B 98 -21.96 -4.57 3.24
C ASN B 98 -21.25 -5.01 1.95
N VAL B 99 -20.08 -5.60 2.14
CA VAL B 99 -19.24 -6.14 1.04
C VAL B 99 -19.91 -7.40 0.51
N ILE B 100 -19.89 -7.59 -0.80
CA ILE B 100 -20.52 -8.81 -1.37
C ILE B 100 -19.51 -9.62 -2.18
N LEU B 101 -19.77 -10.90 -2.28
CA LEU B 101 -19.06 -11.75 -3.25
C LEU B 101 -20.01 -11.73 -4.46
N ALA B 102 -19.71 -10.89 -5.45
CA ALA B 102 -20.58 -10.74 -6.64
C ALA B 102 -20.59 -12.02 -7.47
N ILE B 103 -21.77 -12.41 -7.94
CA ILE B 103 -22.04 -13.60 -8.79
C ILE B 103 -22.52 -13.13 -10.16
N LYS B 104 -23.19 -11.97 -10.18
CA LYS B 104 -23.71 -11.41 -11.45
C LYS B 104 -23.27 -9.96 -11.61
N LEU B 105 -23.00 -9.61 -12.86
N LEU B 105 -23.03 -9.59 -12.85
CA LEU B 105 -22.64 -8.24 -13.31
CA LEU B 105 -22.65 -8.20 -13.24
C LEU B 105 -23.70 -7.84 -14.36
C LEU B 105 -23.62 -7.78 -14.36
N ASP B 106 -24.45 -6.77 -14.08
CA ASP B 106 -25.50 -6.28 -15.01
C ASP B 106 -26.42 -7.43 -15.45
N GLY B 107 -26.80 -8.30 -14.51
CA GLY B 107 -27.80 -9.36 -14.75
C GLY B 107 -27.25 -10.62 -15.39
N ASN B 108 -25.94 -10.68 -15.63
CA ASN B 108 -25.32 -11.87 -16.27
C ASN B 108 -24.25 -12.50 -15.36
N TYR B 109 -24.11 -13.83 -15.42
CA TYR B 109 -23.01 -14.49 -14.68
C TYR B 109 -21.70 -14.00 -15.30
N MET B 110 -20.62 -14.08 -14.53
CA MET B 110 -19.30 -13.61 -14.99
C MET B 110 -18.45 -14.82 -15.42
N THR B 111 -17.94 -14.78 -16.65
CA THR B 111 -17.07 -15.88 -17.14
C THR B 111 -15.64 -15.57 -16.72
N VAL B 112 -14.73 -16.49 -16.93
CA VAL B 112 -13.32 -16.27 -16.49
C VAL B 112 -12.76 -14.99 -17.12
N ARG B 113 -12.99 -14.78 -18.43
CA ARG B 113 -12.41 -13.58 -19.12
C ARG B 113 -13.03 -12.28 -18.61
N GLU B 114 -14.15 -12.37 -17.89
CA GLU B 114 -14.77 -11.17 -17.28
C GLU B 114 -14.27 -11.05 -15.83
N LYS B 115 -13.27 -11.85 -15.46
CA LYS B 115 -12.67 -11.84 -14.10
C LYS B 115 -13.64 -12.50 -13.11
N GLY B 116 -14.41 -13.47 -13.62
CA GLY B 116 -15.34 -14.24 -12.80
C GLY B 116 -14.71 -15.57 -12.41
N PRO B 117 -15.49 -16.51 -11.84
CA PRO B 117 -16.92 -16.31 -11.63
C PRO B 117 -17.33 -15.50 -10.38
N LEU B 118 -16.41 -15.22 -9.48
CA LEU B 118 -16.73 -14.49 -8.23
C LEU B 118 -15.81 -13.29 -8.06
N PHE B 119 -16.34 -12.22 -7.49
CA PHE B 119 -15.63 -10.93 -7.41
C PHE B 119 -16.01 -10.25 -6.09
N VAL B 120 -15.02 -9.99 -5.23
CA VAL B 120 -15.28 -9.23 -3.96
C VAL B 120 -15.55 -7.78 -4.36
N ILE B 121 -16.72 -7.25 -3.99
CA ILE B 121 -17.12 -5.87 -4.39
C ILE B 121 -17.57 -5.06 -3.17
N TYR B 122 -17.03 -3.85 -3.04
CA TYR B 122 -17.45 -2.87 -2.00
C TYR B 122 -18.35 -1.85 -2.68
N PRO B 123 -19.29 -1.22 -1.94
CA PRO B 123 -20.13 -0.17 -2.51
C PRO B 123 -19.35 1.15 -2.53
N TYR B 124 -18.36 1.25 -3.44
CA TYR B 124 -17.42 2.42 -3.46
C TYR B 124 -18.19 3.75 -3.42
N ASP B 125 -19.26 3.89 -4.20
CA ASP B 125 -19.96 5.19 -4.32
C ASP B 125 -20.85 5.48 -3.10
N SER B 126 -21.02 4.53 -2.18
CA SER B 126 -21.90 4.76 -1.00
C SER B 126 -21.14 5.49 0.11
N ASP B 127 -19.81 5.51 0.09
CA ASP B 127 -19.04 6.15 1.19
C ASP B 127 -17.70 6.64 0.66
N PRO B 128 -17.32 7.93 0.81
CA PRO B 128 -16.04 8.42 0.30
C PRO B 128 -14.82 7.66 0.84
N GLU B 129 -14.95 7.07 2.04
CA GLU B 129 -13.87 6.26 2.64
C GLU B 129 -13.50 5.11 1.70
N LEU B 130 -14.49 4.59 0.93
CA LEU B 130 -14.25 3.39 0.09
C LEU B 130 -13.63 3.75 -1.26
N GLN B 131 -13.61 5.03 -1.61
CA GLN B 131 -13.11 5.46 -2.95
C GLN B 131 -11.59 5.62 -2.91
N LYS B 132 -10.87 4.54 -2.60
CA LYS B 132 -9.38 4.63 -2.54
C LYS B 132 -8.75 3.25 -2.73
N GLN B 133 -7.45 3.25 -3.01
CA GLN B 133 -6.69 2.01 -3.34
C GLN B 133 -6.82 1.01 -2.19
N THR B 134 -6.88 1.46 -0.94
CA THR B 134 -7.02 0.51 0.20
C THR B 134 -8.15 -0.49 -0.11
N TYR B 135 -9.29 0.03 -0.55
CA TYR B 135 -10.45 -0.85 -0.82
C TYR B 135 -10.38 -1.45 -2.22
N TYR B 136 -9.85 -0.74 -3.22
CA TYR B 136 -9.72 -1.36 -4.56
C TYR B 136 -8.82 -2.61 -4.43
N SER B 137 -7.79 -2.54 -3.60
CA SER B 137 -6.84 -3.68 -3.38
C SER B 137 -7.55 -4.86 -2.71
N ARG B 138 -8.57 -4.58 -1.91
CA ARG B 138 -9.29 -5.66 -1.18
C ARG B 138 -10.38 -6.29 -2.07
N SER B 139 -10.65 -5.69 -3.25
CA SER B 139 -11.71 -6.14 -4.19
C SER B 139 -11.20 -7.24 -5.14
N ALA B 140 -10.95 -8.44 -4.63
N ALA B 140 -10.97 -8.42 -4.58
CA ALA B 140 -10.34 -9.51 -5.45
CA ALA B 140 -10.38 -9.58 -5.29
C ALA B 140 -11.26 -9.97 -6.58
C ALA B 140 -11.35 -10.15 -6.33
N TRP B 141 -10.71 -10.17 -7.79
N TRP B 141 -10.90 -10.19 -7.60
CA TRP B 141 -11.51 -10.76 -8.89
CA TRP B 141 -11.71 -10.81 -8.68
C TRP B 141 -11.09 -12.22 -9.06
C TRP B 141 -11.19 -12.23 -8.95
N GLN B 142 -11.88 -13.02 -9.78
CA GLN B 142 -11.54 -14.43 -10.08
C GLN B 142 -11.33 -15.19 -8.77
N VAL B 143 -12.16 -14.90 -7.77
CA VAL B 143 -11.99 -15.52 -6.41
C VAL B 143 -12.33 -17.00 -6.49
N ALA B 144 -11.46 -17.84 -5.91
CA ALA B 144 -11.71 -19.29 -5.86
C ALA B 144 -11.77 -19.74 -4.40
N LYS B 145 -11.07 -19.01 -3.52
CA LYS B 145 -10.98 -19.46 -2.11
C LYS B 145 -10.86 -18.26 -1.18
N LEU B 146 -11.45 -18.41 0.01
CA LEU B 146 -11.29 -17.44 1.13
C LEU B 146 -10.65 -18.22 2.28
N ILE B 147 -9.47 -17.81 2.71
CA ILE B 147 -8.80 -18.50 3.84
C ILE B 147 -8.93 -17.61 5.07
N VAL B 148 -9.63 -18.10 6.09
CA VAL B 148 -9.75 -17.36 7.37
C VAL B 148 -8.47 -17.58 8.17
N GLU B 149 -7.76 -16.50 8.48
CA GLU B 149 -6.45 -16.67 9.17
C GLU B 149 -6.61 -16.80 10.68
N GLY C 4 0.51 -17.27 24.38
CA GLY C 4 1.27 -17.13 25.65
C GLY C 4 2.49 -18.03 25.69
N THR C 5 2.35 -19.28 25.24
CA THR C 5 3.48 -20.26 25.20
C THR C 5 4.52 -19.81 24.18
N ILE C 6 4.09 -19.06 23.14
CA ILE C 6 5.05 -18.54 22.13
C ILE C 6 5.43 -17.09 22.50
N ALA C 7 6.73 -16.85 22.65
CA ALA C 7 7.24 -15.51 23.05
C ALA C 7 6.96 -14.49 21.96
N LYS C 8 6.81 -13.23 22.34
CA LYS C 8 6.59 -12.14 21.38
C LYS C 8 7.95 -11.77 20.77
N PRO C 9 7.99 -11.43 19.47
CA PRO C 9 9.25 -11.04 18.84
C PRO C 9 9.77 -9.71 19.41
N GLN C 10 11.09 -9.56 19.55
CA GLN C 10 11.69 -8.29 20.03
C GLN C 10 11.90 -7.36 18.83
N GLY C 11 12.13 -7.94 17.65
CA GLY C 11 12.33 -7.17 16.40
C GLY C 11 11.12 -7.24 15.48
N LYS C 12 11.26 -6.71 14.27
CA LYS C 12 10.11 -6.71 13.32
C LYS C 12 9.87 -8.13 12.83
N PRO C 13 8.63 -8.63 12.84
CA PRO C 13 8.34 -9.96 12.31
C PRO C 13 8.68 -10.06 10.81
N ILE C 14 9.27 -11.18 10.39
CA ILE C 14 9.54 -11.40 8.94
C ILE C 14 8.78 -12.65 8.51
N LEU C 15 8.15 -13.36 9.46
CA LEU C 15 7.29 -14.52 9.12
C LEU C 15 6.05 -14.53 10.01
N THR C 16 4.89 -14.65 9.38
CA THR C 16 3.61 -14.84 10.10
C THR C 16 3.06 -16.22 9.75
N ILE C 17 2.77 -17.02 10.77
CA ILE C 17 2.06 -18.31 10.55
C ILE C 17 0.65 -18.12 11.11
N SER C 18 -0.36 -18.38 10.29
CA SER C 18 -1.76 -18.18 10.72
C SER C 18 -2.63 -19.32 10.20
N GLY C 19 -3.95 -19.16 10.27
CA GLY C 19 -4.87 -20.21 9.85
C GLY C 19 -5.22 -21.12 11.01
N ASN C 20 -5.35 -22.42 10.74
CA ASN C 20 -5.79 -23.37 11.80
C ASN C 20 -4.56 -23.81 12.61
N ILE C 21 -4.11 -22.96 13.54
CA ILE C 21 -2.96 -23.23 14.45
C ILE C 21 -3.44 -23.05 15.90
N THR C 22 -2.69 -23.60 16.86
CA THR C 22 -3.04 -23.60 18.29
C THR C 22 -2.23 -22.59 19.11
N ASN C 23 -0.92 -22.50 18.86
CA ASN C 23 -0.01 -21.66 19.70
C ASN C 23 0.24 -20.34 18.98
N THR C 24 -0.09 -19.23 19.65
CA THR C 24 -0.01 -17.90 18.99
C THR C 24 0.66 -16.88 19.91
N ASN C 25 1.11 -15.77 19.32
CA ASN C 25 1.71 -14.64 20.09
C ASN C 25 1.09 -13.35 19.56
N ALA C 26 0.03 -13.48 18.78
CA ALA C 26 -0.74 -12.37 18.18
C ALA C 26 -2.14 -12.91 17.83
N GLU C 27 -3.08 -12.02 17.48
CA GLU C 27 -4.47 -12.45 17.15
C GLU C 27 -4.44 -13.55 16.09
N GLY C 28 -4.69 -14.79 16.51
CA GLY C 28 -4.75 -15.95 15.60
C GLY C 28 -3.46 -16.21 14.84
N ALA C 29 -2.33 -15.61 15.24
CA ALA C 29 -1.08 -15.85 14.48
C ALA C 29 0.15 -16.02 15.37
N ALA C 30 1.14 -16.71 14.81
CA ALA C 30 2.48 -16.86 15.42
C ALA C 30 3.42 -16.02 14.55
N GLN C 31 3.92 -14.93 15.11
CA GLN C 31 4.84 -14.00 14.40
C GLN C 31 6.29 -14.28 14.84
N PHE C 32 7.21 -14.27 13.88
CA PHE C 32 8.63 -14.57 14.12
C PHE C 32 9.52 -13.47 13.53
N ASP C 33 10.46 -12.92 14.32
CA ASP C 33 11.49 -12.03 13.76
C ASP C 33 12.64 -12.93 13.29
N ARG C 34 13.66 -12.38 12.62
CA ARG C 34 14.73 -13.29 12.11
C ARG C 34 15.49 -13.94 13.27
N ASP C 35 15.68 -13.23 14.39
CA ASP C 35 16.43 -13.82 15.54
C ASP C 35 15.71 -15.09 16.04
N MET C 36 14.39 -15.07 16.10
CA MET C 36 13.63 -16.26 16.60
C MET C 36 13.79 -17.40 15.61
N LEU C 37 13.70 -17.13 14.30
CA LEU C 37 13.88 -18.21 13.31
C LEU C 37 15.30 -18.76 13.37
N GLU C 38 16.31 -17.89 13.51
CA GLU C 38 17.71 -18.40 13.56
C GLU C 38 17.89 -19.27 14.81
N ALA C 39 17.23 -18.91 15.92
CA ALA C 39 17.31 -19.71 17.17
C ALA C 39 16.71 -21.11 16.94
N LEU C 40 15.84 -21.26 15.93
CA LEU C 40 15.23 -22.58 15.58
C LEU C 40 15.96 -23.17 14.36
N GLY C 41 16.77 -22.36 13.67
CA GLY C 41 17.37 -22.65 12.35
C GLY C 41 18.58 -23.57 12.35
N MET C 42 18.43 -24.77 12.92
CA MET C 42 19.57 -25.72 12.97
C MET C 42 19.53 -26.77 11.85
N GLU C 43 18.85 -26.52 10.72
CA GLU C 43 18.81 -27.60 9.69
C GLU C 43 19.51 -27.14 8.39
N THR C 44 20.12 -28.10 7.70
CA THR C 44 20.92 -27.80 6.50
C THR C 44 20.46 -28.67 5.34
N VAL C 45 20.35 -28.06 4.16
CA VAL C 45 20.09 -28.83 2.91
C VAL C 45 21.18 -28.44 1.91
N GLU C 46 21.92 -29.43 1.41
CA GLU C 46 22.94 -29.17 0.36
C GLU C 46 22.36 -29.76 -0.94
N THR C 47 22.22 -28.94 -1.98
CA THR C 47 21.59 -29.43 -3.22
C THR C 47 21.80 -28.44 -4.36
N THR C 48 21.73 -28.98 -5.57
CA THR C 48 21.60 -28.11 -6.77
C THR C 48 20.13 -27.72 -6.83
N THR C 49 19.81 -26.63 -7.51
CA THR C 49 18.40 -26.22 -7.71
C THR C 49 18.29 -25.66 -9.11
N PRO C 50 17.08 -25.45 -9.64
CA PRO C 50 16.94 -24.81 -10.95
C PRO C 50 17.28 -23.33 -10.91
N TRP C 51 17.53 -22.76 -9.72
CA TRP C 51 17.65 -21.29 -9.60
C TRP C 51 19.04 -20.86 -9.10
N HIS C 52 19.84 -21.80 -8.63
CA HIS C 52 21.15 -21.44 -8.02
C HIS C 52 22.30 -21.99 -8.84
N ASP C 53 23.49 -21.43 -8.60
CA ASP C 53 24.73 -21.77 -9.33
C ASP C 53 25.40 -22.98 -8.67
N GLY C 54 25.22 -24.17 -9.25
CA GLY C 54 25.90 -25.39 -8.75
C GLY C 54 25.33 -25.92 -7.45
N ARG C 55 26.10 -26.75 -6.74
CA ARG C 55 25.60 -27.36 -5.48
C ARG C 55 25.81 -26.34 -4.35
N VAL C 56 24.71 -25.88 -3.75
CA VAL C 56 24.80 -24.82 -2.71
C VAL C 56 24.29 -25.35 -1.37
N ARG C 57 24.56 -24.59 -0.32
CA ARG C 57 24.16 -24.97 1.06
C ARG C 57 23.09 -24.00 1.58
N PHE C 58 21.95 -24.55 1.97
CA PHE C 58 20.89 -23.75 2.62
C PHE C 58 20.84 -24.12 4.11
N ASP C 59 20.74 -23.10 4.96
CA ASP C 59 20.61 -23.33 6.42
C ASP C 59 19.29 -22.67 6.82
N GLY C 60 18.47 -23.39 7.60
CA GLY C 60 17.19 -22.79 7.99
C GLY C 60 16.45 -23.62 9.00
N VAL C 61 15.13 -23.46 9.02
CA VAL C 61 14.26 -24.11 10.04
C VAL C 61 13.51 -25.28 9.41
N SER C 62 13.44 -26.41 10.13
CA SER C 62 12.60 -27.55 9.69
C SER C 62 11.14 -27.09 9.63
N LEU C 63 10.49 -27.23 8.48
CA LEU C 63 9.07 -26.80 8.41
C LEU C 63 8.19 -27.76 9.23
N ALA C 64 8.56 -29.03 9.31
CA ALA C 64 7.84 -29.98 10.19
C ALA C 64 7.89 -29.45 11.63
N LYS C 65 9.06 -29.00 12.07
CA LYS C 65 9.18 -28.53 13.47
C LYS C 65 8.36 -27.24 13.64
N LEU C 66 8.41 -26.33 12.65
CA LEU C 66 7.60 -25.08 12.76
C LEU C 66 6.12 -25.44 12.93
N MET C 67 5.63 -26.41 12.16
CA MET C 67 4.20 -26.81 12.26
C MET C 67 3.94 -27.37 13.65
N ASP C 68 4.87 -28.16 14.19
CA ASP C 68 4.71 -28.72 15.57
C ASP C 68 4.67 -27.57 16.59
N ILE C 69 5.60 -26.62 16.48
CA ILE C 69 5.71 -25.48 17.43
C ILE C 69 4.41 -24.66 17.45
N VAL C 70 3.81 -24.40 16.28
CA VAL C 70 2.57 -23.55 16.25
C VAL C 70 1.33 -24.42 16.49
N GLY C 71 1.47 -25.75 16.53
CA GLY C 71 0.29 -26.63 16.72
C GLY C 71 -0.63 -26.63 15.51
N ALA C 72 -0.06 -26.79 14.31
CA ALA C 72 -0.84 -26.82 13.05
C ALA C 72 -1.88 -27.94 13.12
N LYS C 73 -3.12 -27.66 12.68
CA LYS C 73 -4.23 -28.65 12.78
C LYS C 73 -4.74 -29.05 11.38
N GLY C 74 -4.24 -28.42 10.32
CA GLY C 74 -4.66 -28.70 8.93
C GLY C 74 -3.74 -29.68 8.22
N THR C 75 -3.95 -29.87 6.91
CA THR C 75 -3.17 -30.85 6.09
C THR C 75 -2.51 -30.12 4.93
N SER C 76 -2.75 -28.82 4.80
CA SER C 76 -2.17 -28.05 3.68
C SER C 76 -1.74 -26.67 4.18
N VAL C 77 -0.72 -26.10 3.55
CA VAL C 77 -0.24 -24.74 3.88
C VAL C 77 -0.29 -23.89 2.62
N THR C 78 -0.81 -22.68 2.75
CA THR C 78 -0.75 -21.70 1.65
C THR C 78 0.39 -20.74 2.00
N ALA C 79 1.45 -20.73 1.18
CA ALA C 79 2.56 -19.78 1.41
C ALA C 79 2.25 -18.51 0.63
N VAL C 80 2.36 -17.36 1.29
CA VAL C 80 2.11 -16.06 0.63
C VAL C 80 3.45 -15.32 0.57
N ALA C 81 3.88 -14.98 -0.64
CA ALA C 81 5.16 -14.25 -0.82
C ALA C 81 4.96 -12.76 -0.53
N LEU C 82 6.06 -12.02 -0.49
CA LEU C 82 6.02 -10.57 -0.19
C LEU C 82 5.30 -9.82 -1.33
N ASN C 83 5.19 -10.42 -2.51
CA ASN C 83 4.49 -9.78 -3.66
C ASN C 83 3.07 -10.37 -3.80
N ASP C 84 2.60 -11.06 -2.76
CA ASP C 84 1.21 -11.63 -2.68
C ASP C 84 1.04 -12.84 -3.59
N TYR C 85 2.14 -13.37 -4.15
CA TYR C 85 2.03 -14.59 -4.98
C TYR C 85 1.84 -15.80 -4.05
N VAL C 86 0.98 -16.74 -4.45
CA VAL C 86 0.65 -17.89 -3.55
C VAL C 86 1.23 -19.22 -4.06
N SER C 87 1.61 -20.09 -3.11
CA SER C 87 2.10 -21.46 -3.35
C SER C 87 1.33 -22.38 -2.38
N THR C 88 0.98 -23.60 -2.79
CA THR C 88 0.28 -24.51 -1.85
C THR C 88 1.21 -25.70 -1.59
N ILE C 89 1.29 -26.15 -0.33
CA ILE C 89 2.21 -27.25 0.05
C ILE C 89 1.46 -28.22 0.96
N PRO C 90 1.42 -29.54 0.64
CA PRO C 90 0.84 -30.53 1.55
C PRO C 90 1.74 -30.61 2.78
N ILE C 91 1.17 -30.55 3.98
CA ILE C 91 2.00 -30.56 5.22
C ILE C 91 2.79 -31.88 5.31
N GLU C 92 2.24 -32.95 4.77
CA GLU C 92 2.90 -34.29 4.76
C GLU C 92 4.30 -34.19 4.10
N ASP C 93 4.49 -33.26 3.16
CA ASP C 93 5.82 -33.12 2.49
C ASP C 93 6.92 -32.78 3.51
N PHE C 94 6.57 -32.02 4.56
CA PHE C 94 7.59 -31.52 5.53
C PHE C 94 8.26 -32.67 6.27
N LYS C 95 7.50 -33.71 6.62
CA LYS C 95 8.09 -34.87 7.35
C LYS C 95 8.66 -35.87 6.33
N LYS C 96 8.04 -35.97 5.16
CA LYS C 96 8.50 -36.94 4.14
C LYS C 96 9.86 -36.53 3.55
N PHE C 97 10.18 -35.22 3.44
CA PHE C 97 11.41 -34.80 2.71
C PHE C 97 12.36 -33.85 3.46
N ASN C 98 12.14 -33.56 4.74
N ASN C 98 12.07 -33.53 4.73
CA ASN C 98 13.09 -32.64 5.44
CA ASN C 98 13.02 -32.66 5.46
C ASN C 98 13.14 -31.30 4.70
C ASN C 98 13.13 -31.32 4.72
N VAL C 99 11.97 -30.76 4.41
CA VAL C 99 11.85 -29.44 3.73
C VAL C 99 12.22 -28.39 4.77
N ILE C 100 12.97 -27.38 4.37
CA ILE C 100 13.33 -26.30 5.32
C ILE C 100 12.87 -24.96 4.80
N LEU C 101 12.70 -24.04 5.74
CA LEU C 101 12.49 -22.63 5.39
C LEU C 101 13.89 -22.04 5.51
N ALA C 102 14.57 -21.88 4.38
CA ALA C 102 15.98 -21.43 4.36
C ALA C 102 16.07 -19.96 4.75
N ILE C 103 17.09 -19.64 5.56
CA ILE C 103 17.40 -18.26 6.04
C ILE C 103 18.76 -17.87 5.45
N LYS C 104 19.63 -18.85 5.25
CA LYS C 104 20.98 -18.56 4.70
C LYS C 104 21.28 -19.43 3.49
N LEU C 105 22.03 -18.82 2.56
CA LEU C 105 22.57 -19.43 1.33
C LEU C 105 24.10 -19.32 1.43
N ASP C 106 24.80 -20.45 1.50
CA ASP C 106 26.28 -20.43 1.61
C ASP C 106 26.71 -19.52 2.78
N GLY C 107 26.00 -19.61 3.92
CA GLY C 107 26.36 -18.90 5.16
C GLY C 107 26.00 -17.42 5.14
N ASN C 108 25.30 -16.95 4.11
CA ASN C 108 24.96 -15.50 4.02
C ASN C 108 23.43 -15.32 3.98
N TYR C 109 22.94 -14.23 4.55
CA TYR C 109 21.48 -13.92 4.42
C TYR C 109 21.16 -13.70 2.93
N MET C 110 19.91 -14.00 2.54
CA MET C 110 19.51 -13.92 1.11
C MET C 110 19.10 -12.49 0.72
N THR C 111 19.56 -12.06 -0.46
CA THR C 111 19.35 -10.67 -0.99
C THR C 111 17.99 -10.54 -1.69
N VAL C 112 17.67 -9.30 -2.10
CA VAL C 112 16.42 -9.03 -2.87
C VAL C 112 16.48 -9.88 -4.15
N ARG C 113 17.62 -9.84 -4.85
CA ARG C 113 17.89 -10.58 -6.11
C ARG C 113 17.71 -12.09 -5.91
N GLU C 114 18.07 -12.61 -4.73
CA GLU C 114 18.02 -14.08 -4.47
C GLU C 114 16.62 -14.49 -3.99
N LYS C 115 15.65 -13.55 -4.05
CA LYS C 115 14.26 -13.79 -3.59
C LYS C 115 14.22 -13.96 -2.06
N GLY C 116 15.11 -13.27 -1.35
CA GLY C 116 15.07 -13.36 0.11
C GLY C 116 13.84 -12.63 0.63
N PRO C 117 13.63 -12.61 1.95
CA PRO C 117 14.59 -13.20 2.89
C PRO C 117 14.43 -14.70 3.23
N LEU C 118 13.30 -15.30 2.87
CA LEU C 118 12.98 -16.70 3.30
C LEU C 118 12.56 -17.51 2.07
N PHE C 119 12.98 -18.77 2.01
CA PHE C 119 12.79 -19.59 0.79
C PHE C 119 12.55 -21.04 1.20
N VAL C 120 11.45 -21.63 0.70
CA VAL C 120 11.15 -23.07 1.01
C VAL C 120 12.03 -23.93 0.10
N ILE C 121 12.85 -24.80 0.71
CA ILE C 121 13.82 -25.63 -0.05
C ILE C 121 13.64 -27.10 0.27
N TYR C 122 13.49 -27.90 -0.79
CA TYR C 122 13.49 -29.37 -0.70
C TYR C 122 14.88 -29.86 -1.07
N PRO C 123 15.30 -31.05 -0.58
CA PRO C 123 16.60 -31.64 -0.96
C PRO C 123 16.50 -32.30 -2.35
N TYR C 124 16.38 -31.47 -3.40
CA TYR C 124 16.10 -31.96 -4.78
C TYR C 124 17.08 -33.06 -5.25
N ASP C 125 18.38 -32.89 -4.98
N ASP C 125 18.38 -32.92 -4.99
CA ASP C 125 19.44 -33.83 -5.43
CA ASP C 125 19.31 -33.92 -5.60
C ASP C 125 19.29 -35.22 -4.79
C ASP C 125 19.39 -35.20 -4.75
N SER C 126 18.64 -35.29 -3.64
CA SER C 126 18.58 -36.54 -2.84
C SER C 126 17.59 -37.55 -3.44
N ASP C 127 16.72 -37.11 -4.35
CA ASP C 127 15.64 -38.02 -4.84
C ASP C 127 15.18 -37.55 -6.21
N PRO C 128 15.27 -38.39 -7.26
CA PRO C 128 14.86 -37.99 -8.60
C PRO C 128 13.40 -37.53 -8.67
N GLU C 129 12.56 -38.01 -7.74
CA GLU C 129 11.12 -37.64 -7.73
C GLU C 129 10.95 -36.16 -7.35
N LEU C 130 11.95 -35.57 -6.68
CA LEU C 130 11.86 -34.14 -6.22
C LEU C 130 12.31 -33.19 -7.33
N GLN C 131 13.02 -33.70 -8.34
CA GLN C 131 13.55 -32.87 -9.45
C GLN C 131 12.43 -32.74 -10.50
N LYS C 132 11.29 -32.22 -10.08
CA LYS C 132 10.07 -32.11 -10.92
C LYS C 132 9.34 -30.81 -10.59
N GLN C 133 8.59 -30.29 -11.56
CA GLN C 133 7.83 -29.03 -11.40
C GLN C 133 6.88 -29.12 -10.19
N THR C 134 6.38 -30.31 -9.87
CA THR C 134 5.48 -30.52 -8.71
C THR C 134 6.11 -29.93 -7.44
N TYR C 135 7.40 -30.19 -7.22
CA TYR C 135 8.14 -29.72 -6.03
C TYR C 135 8.69 -28.31 -6.25
N TYR C 136 9.09 -27.98 -7.49
CA TYR C 136 9.56 -26.61 -7.75
C TYR C 136 8.43 -25.62 -7.44
N SER C 137 7.18 -25.96 -7.83
CA SER C 137 6.01 -25.09 -7.55
C SER C 137 5.72 -24.98 -6.04
N ARG C 138 6.19 -25.95 -5.24
CA ARG C 138 5.96 -25.91 -3.77
C ARG C 138 7.10 -25.15 -3.09
N SER C 139 8.13 -24.78 -3.85
CA SER C 139 9.34 -24.10 -3.32
C SER C 139 9.12 -22.58 -3.31
N ALA C 140 8.19 -22.16 -2.44
CA ALA C 140 7.82 -20.73 -2.27
C ALA C 140 9.06 -19.88 -1.96
N TRP C 141 9.20 -18.76 -2.65
CA TRP C 141 10.32 -17.84 -2.32
C TRP C 141 9.74 -16.51 -1.81
N GLN C 142 10.60 -15.63 -1.31
CA GLN C 142 10.15 -14.33 -0.73
C GLN C 142 9.01 -14.58 0.25
N VAL C 143 9.10 -15.64 1.05
CA VAL C 143 7.98 -16.04 1.94
C VAL C 143 7.72 -14.98 3.02
N ALA C 144 6.45 -14.60 3.18
CA ALA C 144 6.02 -13.64 4.22
C ALA C 144 5.07 -14.35 5.19
N LYS C 145 4.26 -15.26 4.67
CA LYS C 145 3.21 -15.86 5.51
C LYS C 145 2.98 -17.32 5.12
N LEU C 146 2.72 -18.17 6.12
CA LEU C 146 2.30 -19.58 5.94
C LEU C 146 0.93 -19.68 6.59
N ILE C 147 -0.09 -20.03 5.81
CA ILE C 147 -1.47 -20.12 6.36
C ILE C 147 -1.86 -21.59 6.39
N VAL C 148 -2.15 -22.08 7.58
CA VAL C 148 -2.51 -23.51 7.71
C VAL C 148 -4.00 -23.65 7.39
N GLU C 149 -4.30 -24.43 6.35
CA GLU C 149 -5.71 -24.74 6.01
C GLU C 149 -6.02 -26.12 6.60
N ALA D 3 -5.55 21.27 25.18
CA ALA D 3 -6.60 22.19 24.64
C ALA D 3 -6.58 22.17 23.12
N GLY D 4 -7.58 21.52 22.51
CA GLY D 4 -7.63 21.43 21.03
C GLY D 4 -8.12 22.73 20.43
N THR D 5 -7.80 22.96 19.15
CA THR D 5 -8.33 24.12 18.41
C THR D 5 -9.38 23.54 17.43
N ILE D 6 -8.92 22.75 16.45
CA ILE D 6 -9.85 22.09 15.48
C ILE D 6 -10.37 20.80 16.12
N ALA D 7 -11.66 20.54 16.00
CA ALA D 7 -12.28 19.34 16.59
C ALA D 7 -11.73 18.08 15.91
N LYS D 8 -11.72 16.97 16.63
CA LYS D 8 -11.29 15.67 16.04
C LYS D 8 -12.47 15.13 15.25
N PRO D 9 -12.25 14.53 14.07
CA PRO D 9 -13.36 13.98 13.29
C PRO D 9 -14.01 12.79 14.02
N GLN D 10 -15.33 12.66 13.91
CA GLN D 10 -16.09 11.53 14.50
C GLN D 10 -16.05 10.35 13.52
N GLY D 11 -16.02 10.64 12.21
CA GLY D 11 -15.96 9.61 11.15
C GLY D 11 -14.59 9.54 10.52
N LYS D 12 -14.45 8.75 9.46
CA LYS D 12 -13.14 8.59 8.78
C LYS D 12 -12.75 9.90 8.09
N PRO D 13 -11.52 10.39 8.28
CA PRO D 13 -11.08 11.60 7.58
C PRO D 13 -11.05 11.36 6.07
N ILE D 14 -11.45 12.35 5.28
CA ILE D 14 -11.36 12.25 3.80
C ILE D 14 -10.49 13.40 3.31
N LEU D 15 -10.06 14.27 4.22
CA LEU D 15 -9.11 15.34 3.82
C LEU D 15 -8.11 15.59 4.95
N THR D 16 -6.82 15.58 4.60
CA THR D 16 -5.77 15.96 5.56
C THR D 16 -5.12 17.25 5.06
N ILE D 17 -5.05 18.26 5.91
CA ILE D 17 -4.27 19.48 5.56
C ILE D 17 -3.04 19.44 6.46
N SER D 18 -1.86 19.61 5.87
CA SER D 18 -0.59 19.50 6.62
C SER D 18 0.42 20.51 6.07
N GLY D 19 1.69 20.35 6.44
CA GLY D 19 2.70 21.34 6.02
C GLY D 19 2.80 22.47 7.01
N ASN D 20 3.00 23.68 6.51
CA ASN D 20 3.26 24.84 7.40
C ASN D 20 1.93 25.46 7.83
N ILE D 21 1.27 24.81 8.80
CA ILE D 21 -0.04 25.25 9.36
C ILE D 21 0.11 25.44 10.87
N THR D 22 -0.89 26.06 11.49
CA THR D 22 -0.84 26.43 12.93
C THR D 22 -1.84 25.61 13.76
N ASN D 23 -3.05 25.44 13.26
CA ASN D 23 -4.14 24.77 14.03
C ASN D 23 -4.25 23.33 13.55
N THR D 24 -4.19 22.38 14.49
CA THR D 24 -4.15 20.95 14.13
C THR D 24 -5.08 20.14 15.04
N ASN D 25 -5.37 18.89 14.64
CA ASN D 25 -6.18 17.95 15.47
C ASN D 25 -5.50 16.58 15.43
N ALA D 26 -4.28 16.53 14.88
CA ALA D 26 -3.46 15.30 14.80
C ALA D 26 -2.00 15.78 14.69
N GLU D 27 -1.04 14.86 14.72
CA GLU D 27 0.39 15.25 14.64
C GLU D 27 0.65 16.09 13.39
N GLY D 28 0.81 17.41 13.57
CA GLY D 28 1.15 18.35 12.49
C GLY D 28 0.12 18.43 11.37
N ALA D 29 -1.09 17.93 11.60
CA ALA D 29 -2.10 17.91 10.53
C ALA D 29 -3.51 18.24 11.05
N ALA D 30 -4.32 18.76 10.13
CA ALA D 30 -5.75 19.02 10.35
C ALA D 30 -6.52 17.99 9.53
N GLN D 31 -7.18 17.04 10.19
CA GLN D 31 -7.94 15.96 9.51
C GLN D 31 -9.43 16.31 9.55
N PHE D 32 -10.12 16.09 8.43
CA PHE D 32 -11.55 16.44 8.32
C PHE D 32 -12.32 15.25 7.75
N ASP D 33 -13.41 14.87 8.42
CA ASP D 33 -14.35 13.88 7.83
C ASP D 33 -15.31 14.71 6.97
N ARG D 34 -16.17 14.07 6.18
CA ARG D 34 -17.04 14.86 5.27
C ARG D 34 -17.98 15.76 6.08
N ASP D 35 -18.46 15.29 7.23
CA ASP D 35 -19.41 16.09 8.07
C ASP D 35 -18.72 17.39 8.49
N MET D 36 -17.43 17.35 8.83
CA MET D 36 -16.73 18.60 9.24
C MET D 36 -16.60 19.53 8.02
N LEU D 37 -16.27 18.99 6.85
CA LEU D 37 -16.16 19.85 5.64
C LEU D 37 -17.50 20.54 5.37
N GLU D 38 -18.61 19.79 5.45
CA GLU D 38 -19.95 20.36 5.18
C GLU D 38 -20.33 21.37 6.28
N ALA D 39 -19.86 21.14 7.52
CA ALA D 39 -20.16 22.02 8.67
C ALA D 39 -19.42 23.35 8.55
N LEU D 40 -18.39 23.42 7.69
CA LEU D 40 -17.63 24.68 7.53
C LEU D 40 -18.49 25.67 6.72
N GLY D 41 -19.57 25.19 6.12
CA GLY D 41 -20.46 26.04 5.29
C GLY D 41 -20.27 25.76 3.81
N MET D 42 -21.29 25.21 3.16
CA MET D 42 -21.23 24.87 1.72
C MET D 42 -21.50 26.12 0.90
N GLU D 43 -20.70 26.32 -0.15
CA GLU D 43 -20.82 27.42 -1.13
C GLU D 43 -21.08 26.81 -2.51
N THR D 44 -21.73 27.56 -3.40
CA THR D 44 -22.08 27.03 -4.74
C THR D 44 -21.25 27.72 -5.81
N VAL D 45 -20.73 26.93 -6.74
CA VAL D 45 -20.06 27.44 -7.96
C VAL D 45 -20.77 26.76 -9.12
N GLU D 46 -21.43 27.54 -9.97
CA GLU D 46 -22.08 26.99 -11.18
C GLU D 46 -21.16 27.33 -12.34
N THR D 47 -20.74 26.32 -13.09
CA THR D 47 -19.85 26.63 -14.23
C THR D 47 -19.79 25.43 -15.16
N THR D 48 -19.49 25.74 -16.42
CA THR D 48 -19.09 24.70 -17.39
C THR D 48 -17.62 24.39 -17.07
N THR D 49 -17.17 23.21 -17.45
CA THR D 49 -15.77 22.78 -17.27
C THR D 49 -15.40 21.94 -18.48
N PRO D 50 -14.11 21.67 -18.71
CA PRO D 50 -13.72 20.80 -19.81
C PRO D 50 -14.08 19.33 -19.56
N TRP D 51 -14.57 18.98 -18.36
CA TRP D 51 -14.73 17.54 -17.99
C TRP D 51 -16.19 17.15 -17.76
N HIS D 52 -17.09 18.13 -17.73
CA HIS D 52 -18.51 17.86 -17.38
C HIS D 52 -19.42 18.27 -18.53
N ASP D 53 -20.60 17.64 -18.60
CA ASP D 53 -21.56 17.95 -19.69
C ASP D 53 -22.45 19.11 -19.24
N GLY D 54 -22.33 20.26 -19.88
CA GLY D 54 -23.22 21.40 -19.59
C GLY D 54 -22.83 22.17 -18.35
N ARG D 55 -23.66 23.13 -17.97
CA ARG D 55 -23.36 23.98 -16.79
C ARG D 55 -23.75 23.19 -15.55
N VAL D 56 -22.75 22.82 -14.76
CA VAL D 56 -23.01 21.95 -13.58
C VAL D 56 -22.95 22.77 -12.30
N ARG D 57 -23.65 22.30 -11.28
CA ARG D 57 -23.70 22.98 -9.97
C ARG D 57 -22.74 22.26 -9.00
N PHE D 58 -21.69 22.95 -8.57
CA PHE D 58 -20.77 22.37 -7.56
C PHE D 58 -21.05 23.00 -6.19
N ASP D 59 -21.17 22.17 -5.16
CA ASP D 59 -21.32 22.69 -3.77
C ASP D 59 -20.10 22.22 -2.99
N GLY D 60 -19.44 23.13 -2.29
CA GLY D 60 -18.25 22.72 -1.53
C GLY D 60 -17.78 23.79 -0.57
N VAL D 61 -16.59 23.60 -0.02
N VAL D 61 -16.56 23.60 -0.07
CA VAL D 61 -16.05 24.56 0.99
CA VAL D 61 -15.95 24.50 0.96
C VAL D 61 -14.97 25.44 0.35
C VAL D 61 -14.95 25.45 0.30
N SER D 62 -15.03 26.73 0.65
CA SER D 62 -14.04 27.73 0.17
C SER D 62 -12.63 27.28 0.57
N LEU D 63 -11.68 27.30 -0.36
CA LEU D 63 -10.30 26.89 0.02
C LEU D 63 -9.69 27.99 0.89
N ALA D 64 -10.10 29.24 0.71
CA ALA D 64 -9.63 30.32 1.63
C ALA D 64 -10.07 30.00 3.07
N LYS D 65 -11.30 29.56 3.25
CA LYS D 65 -11.83 29.23 4.60
C LYS D 65 -11.01 28.08 5.21
N LEU D 66 -10.64 27.07 4.41
CA LEU D 66 -9.79 25.95 4.91
C LEU D 66 -8.40 26.46 5.31
N MET D 67 -7.80 27.36 4.52
CA MET D 67 -6.46 27.90 4.89
C MET D 67 -6.60 28.72 6.18
N ASP D 68 -7.76 29.37 6.35
CA ASP D 68 -7.95 30.23 7.55
C ASP D 68 -8.13 29.36 8.79
N ILE D 69 -8.91 28.28 8.69
CA ILE D 69 -9.14 27.49 9.93
C ILE D 69 -7.84 26.80 10.34
N VAL D 70 -6.97 26.41 9.41
CA VAL D 70 -5.72 25.69 9.81
C VAL D 70 -4.60 26.69 10.10
N GLY D 71 -4.81 27.98 9.83
CA GLY D 71 -3.75 28.99 10.04
C GLY D 71 -2.57 28.74 9.12
N ALA D 72 -2.83 28.58 7.82
CA ALA D 72 -1.78 28.34 6.80
C ALA D 72 -0.77 29.49 6.85
N LYS D 73 0.52 29.18 6.76
CA LYS D 73 1.56 30.25 6.83
C LYS D 73 2.35 30.34 5.50
N GLY D 74 2.08 29.45 4.55
CA GLY D 74 2.79 29.45 3.25
C GLY D 74 2.08 30.26 2.18
N THR D 75 2.61 30.22 0.95
CA THR D 75 2.05 30.95 -0.21
C THR D 75 1.61 29.97 -1.31
N SER D 76 1.85 28.68 -1.10
N SER D 76 1.89 28.69 -1.12
CA SER D 76 1.49 27.67 -2.13
CA SER D 76 1.45 27.70 -2.13
C SER D 76 0.93 26.40 -1.46
C SER D 76 1.09 26.39 -1.42
N VAL D 77 0.11 25.64 -2.20
N VAL D 77 0.13 25.66 -2.01
CA VAL D 77 -0.41 24.35 -1.69
CA VAL D 77 -0.29 24.33 -1.49
C VAL D 77 -0.03 23.26 -2.69
C VAL D 77 -0.07 23.29 -2.60
N THR D 78 0.33 22.09 -2.19
CA THR D 78 0.54 20.93 -3.06
C THR D 78 -0.67 20.04 -2.77
N ALA D 79 -1.50 19.80 -3.77
CA ALA D 79 -2.66 18.91 -3.61
C ALA D 79 -2.20 17.51 -4.00
N VAL D 80 -2.45 16.54 -3.13
CA VAL D 80 -2.04 15.14 -3.42
C VAL D 80 -3.32 14.33 -3.64
N ALA D 81 -3.44 13.69 -4.80
CA ALA D 81 -4.65 12.90 -5.11
C ALA D 81 -4.55 11.51 -4.47
N LEU D 82 -5.65 10.76 -4.50
CA LEU D 82 -5.68 9.41 -3.88
C LEU D 82 -4.79 8.46 -4.69
N ASN D 83 -4.43 8.84 -5.92
CA ASN D 83 -3.53 7.98 -6.74
C ASN D 83 -2.09 8.55 -6.70
N ASP D 84 -1.80 9.42 -5.73
CA ASP D 84 -0.46 10.02 -5.47
C ASP D 84 -0.07 11.04 -6.55
N TYR D 85 -1.00 11.46 -7.40
CA TYR D 85 -0.71 12.49 -8.42
C TYR D 85 -0.74 13.86 -7.74
N VAL D 86 0.20 14.75 -8.09
CA VAL D 86 0.33 16.06 -7.40
C VAL D 86 -0.07 17.22 -8.31
N SER D 87 -0.67 18.26 -7.72
CA SER D 87 -1.04 19.53 -8.37
C SER D 87 -0.54 20.67 -7.47
N THR D 88 -0.04 21.78 -8.03
CA THR D 88 0.39 22.90 -7.16
C THR D 88 -0.54 24.10 -7.42
N ILE D 89 -0.89 24.81 -6.35
CA ILE D 89 -1.85 25.94 -6.44
C ILE D 89 -1.33 27.09 -5.58
N PRO D 90 -1.19 28.30 -6.15
CA PRO D 90 -0.83 29.47 -5.35
C PRO D 90 -2.02 29.79 -4.43
N ILE D 91 -1.74 30.04 -3.15
CA ILE D 91 -2.84 30.30 -2.18
C ILE D 91 -3.58 31.59 -2.57
N GLU D 92 -2.90 32.50 -3.26
CA GLU D 92 -3.51 33.79 -3.71
C GLU D 92 -4.75 33.53 -4.60
N ASP D 93 -4.77 32.41 -5.32
CA ASP D 93 -5.93 32.11 -6.21
C ASP D 93 -7.21 31.93 -5.39
N PHE D 94 -7.09 31.44 -4.15
CA PHE D 94 -8.29 31.07 -3.34
C PHE D 94 -9.19 32.29 -3.13
N LYS D 95 -8.63 33.41 -2.67
CA LYS D 95 -9.46 34.62 -2.44
C LYS D 95 -9.70 35.36 -3.76
N LYS D 96 -8.75 35.30 -4.69
CA LYS D 96 -8.89 36.03 -5.97
C LYS D 96 -10.05 35.47 -6.81
N PHE D 97 -10.30 34.16 -6.79
CA PHE D 97 -11.33 33.54 -7.68
C PHE D 97 -12.41 32.73 -6.94
N ASN D 98 -12.40 32.76 -5.60
N ASN D 98 -12.43 32.76 -5.60
CA ASN D 98 -13.43 32.03 -4.82
CA ASN D 98 -13.46 32.02 -4.84
C ASN D 98 -13.38 30.55 -5.23
C ASN D 98 -13.39 30.54 -5.21
N VAL D 99 -12.19 29.97 -5.16
CA VAL D 99 -11.98 28.53 -5.51
C VAL D 99 -12.60 27.70 -4.39
N ILE D 100 -13.26 26.61 -4.76
CA ILE D 100 -13.87 25.71 -3.72
C ILE D 100 -13.29 24.31 -3.86
N LEU D 101 -13.38 23.57 -2.77
CA LEU D 101 -13.11 22.12 -2.75
C LEU D 101 -14.52 21.53 -2.85
N ALA D 102 -14.92 21.16 -4.06
CA ALA D 102 -16.27 20.66 -4.33
C ALA D 102 -16.49 19.30 -3.64
N ILE D 103 -17.67 19.14 -3.04
CA ILE D 103 -18.11 17.91 -2.33
C ILE D 103 -19.30 17.33 -3.09
N LYS D 104 -20.12 18.20 -3.69
CA LYS D 104 -21.31 17.70 -4.43
C LYS D 104 -21.29 18.22 -5.86
N LEU D 105 -21.77 17.36 -6.77
CA LEU D 105 -21.93 17.64 -8.21
C LEU D 105 -23.42 17.47 -8.53
N ASP D 106 -24.09 18.54 -8.91
CA ASP D 106 -25.53 18.45 -9.26
C ASP D 106 -26.30 17.83 -8.07
N GLY D 107 -25.96 18.25 -6.85
CA GLY D 107 -26.70 17.83 -5.63
C GLY D 107 -26.33 16.46 -5.12
N ASN D 108 -25.33 15.81 -5.72
CA ASN D 108 -24.99 14.43 -5.28
C ASN D 108 -23.50 14.34 -4.93
N TYR D 109 -23.17 13.42 -4.02
CA TYR D 109 -21.74 13.16 -3.74
C TYR D 109 -21.13 12.59 -5.02
N MET D 110 -19.83 12.83 -5.20
CA MET D 110 -19.15 12.43 -6.44
C MET D 110 -18.79 10.94 -6.45
N THR D 111 -18.94 10.31 -7.61
CA THR D 111 -18.67 8.87 -7.78
C THR D 111 -17.19 8.66 -8.10
N VAL D 112 -16.76 7.40 -8.10
CA VAL D 112 -15.37 7.04 -8.53
C VAL D 112 -15.15 7.61 -9.93
N ARG D 113 -16.09 7.38 -10.84
CA ARG D 113 -16.04 7.78 -12.27
C ARG D 113 -15.92 9.31 -12.40
N GLU D 114 -16.50 10.06 -11.45
CA GLU D 114 -16.47 11.55 -11.46
C GLU D 114 -15.21 12.10 -10.78
N LYS D 115 -14.29 11.22 -10.39
CA LYS D 115 -13.02 11.64 -9.71
C LYS D 115 -13.31 12.19 -8.32
N GLY D 116 -14.33 11.63 -7.66
CA GLY D 116 -14.57 12.01 -6.25
C GLY D 116 -13.47 11.43 -5.37
N PRO D 117 -13.54 11.64 -4.05
CA PRO D 117 -14.65 12.38 -3.44
C PRO D 117 -14.56 13.91 -3.40
N LEU D 118 -13.39 14.48 -3.68
CA LEU D 118 -13.18 15.94 -3.56
C LEU D 118 -12.50 16.44 -4.83
N PHE D 119 -12.85 17.65 -5.26
CA PHE D 119 -12.41 18.17 -6.57
C PHE D 119 -12.27 19.68 -6.45
N VAL D 120 -11.07 20.20 -6.74
CA VAL D 120 -10.81 21.67 -6.70
C VAL D 120 -11.48 22.30 -7.92
N ILE D 121 -12.39 23.27 -7.69
CA ILE D 121 -13.15 23.91 -8.81
C ILE D 121 -13.01 25.43 -8.77
N TYR D 122 -12.64 26.01 -9.91
CA TYR D 122 -12.65 27.47 -10.16
C TYR D 122 -13.93 27.81 -10.92
N PRO D 123 -14.46 29.04 -10.82
CA PRO D 123 -15.63 29.45 -11.62
C PRO D 123 -15.18 29.79 -13.06
N TYR D 124 -14.82 28.75 -13.82
CA TYR D 124 -14.18 28.95 -15.17
C TYR D 124 -15.02 29.85 -16.08
N ASP D 125 -16.35 29.66 -16.15
CA ASP D 125 -17.10 30.44 -17.17
C ASP D 125 -17.35 31.88 -16.70
N SER D 126 -16.88 32.24 -15.50
CA SER D 126 -17.06 33.62 -14.98
C SER D 126 -15.97 34.55 -15.53
N ASP D 127 -14.89 33.99 -16.07
CA ASP D 127 -13.74 34.82 -16.51
C ASP D 127 -12.96 34.09 -17.60
N PRO D 128 -12.77 34.70 -18.79
CA PRO D 128 -12.07 34.02 -19.89
C PRO D 128 -10.64 33.62 -19.51
N GLU D 129 -10.01 34.36 -18.59
CA GLU D 129 -8.64 34.07 -18.12
C GLU D 129 -8.58 32.73 -17.39
N LEU D 130 -9.72 32.26 -16.85
CA LEU D 130 -9.74 30.97 -16.09
C LEU D 130 -9.92 29.79 -17.03
N GLN D 131 -10.31 30.02 -18.29
CA GLN D 131 -10.57 28.90 -19.25
C GLN D 131 -9.24 28.60 -19.97
N LYS D 132 -8.23 28.19 -19.18
CA LYS D 132 -6.84 27.97 -19.66
C LYS D 132 -6.22 26.78 -18.93
N GLN D 133 -5.25 26.13 -19.57
CA GLN D 133 -4.58 24.98 -18.92
C GLN D 133 -3.95 25.42 -17.58
N THR D 134 -3.53 26.68 -17.45
CA THR D 134 -2.93 27.15 -16.17
C THR D 134 -3.87 26.82 -15.00
N TYR D 135 -5.17 27.10 -15.15
CA TYR D 135 -6.16 26.87 -14.08
C TYR D 135 -6.66 25.42 -14.13
N TYR D 136 -6.77 24.81 -15.32
CA TYR D 136 -7.19 23.39 -15.35
C TYR D 136 -6.15 22.55 -14.61
N SER D 137 -4.86 22.87 -14.76
CA SER D 137 -3.79 22.12 -14.03
C SER D 137 -3.88 22.30 -12.52
N ARG D 138 -4.46 23.41 -12.04
CA ARG D 138 -4.59 23.67 -10.58
C ARG D 138 -5.87 23.00 -10.04
N SER D 139 -6.70 22.48 -10.93
CA SER D 139 -8.01 21.87 -10.55
C SER D 139 -7.82 20.38 -10.21
N ALA D 140 -7.14 20.12 -9.09
CA ALA D 140 -6.85 18.75 -8.61
C ALA D 140 -8.13 17.97 -8.35
N TRP D 141 -8.17 16.71 -8.77
CA TRP D 141 -9.35 15.87 -8.46
C TRP D 141 -8.92 14.69 -7.58
N GLN D 142 -9.89 13.89 -7.13
CA GLN D 142 -9.60 12.75 -6.20
C GLN D 142 -8.71 13.27 -5.07
N VAL D 143 -9.00 14.48 -4.56
CA VAL D 143 -8.11 15.10 -3.53
C VAL D 143 -8.14 14.32 -2.21
N ALA D 144 -6.96 14.05 -1.66
CA ALA D 144 -6.78 13.36 -0.37
C ALA D 144 -6.07 14.30 0.61
N LYS D 145 -5.16 15.12 0.11
CA LYS D 145 -4.33 15.95 1.01
C LYS D 145 -3.99 17.31 0.37
N LEU D 146 -3.94 18.34 1.20
CA LEU D 146 -3.45 19.67 0.82
C LEU D 146 -2.24 19.96 1.72
N ILE D 147 -1.06 20.13 1.15
CA ILE D 147 0.14 20.42 1.97
C ILE D 147 0.52 21.89 1.76
N VAL D 148 0.51 22.66 2.83
CA VAL D 148 0.93 24.09 2.75
C VAL D 148 2.46 24.11 2.75
N GLU D 149 3.06 24.63 1.68
CA GLU D 149 4.53 24.59 1.55
C GLU D 149 5.20 25.73 2.30
#